data_3GBT
#
_entry.id   3GBT
#
_cell.length_a   122.638
_cell.length_b   96.008
_cell.length_c   72.940
_cell.angle_alpha   90.00
_cell.angle_beta   93.32
_cell.angle_gamma   90.00
#
_symmetry.space_group_name_H-M   'C 1 2 1'
#
loop_
_entity.id
_entity.type
_entity.pdbx_description
1 polymer 'Gluconate kinase'
2 water water
#
_entity_poly.entity_id   1
_entity_poly.type   'polypeptide(L)'
_entity_poly.pdbx_seq_one_letter_code
;(MSE)SLKYIIG(MSE)DVGTTATKGVLYDINGKAVASVSKGYPLIQTKVGQAEEDPKLIFDAVQEIIFDLTQKIDGKIA
AISWSSQ(MSE)HSLIGLGSDDELLTNSITWADNCAKSIVQDAKNRGFAQQIYRKTG(MSE)P(MSE)HP(MSE)APIYK
LLWLKNKKTEVFSQAQKWIGIKEYIIFRLTGKLVTDTT(MSE)AAGTGILNLKTLTWDQELLDILKIKKEQLPKIAQPTK
VIFPIKTEYVKKLGIDSDTKIILGASDGYLSTIGVNAIDSDHCALNVGTSGAIRTIVDQPKIDPSASYFCYPADKTHYLL
GGPVNNGGIVFNWARQTLFDADETPQDFLDVAQTAPAGSRNLIFLPYLGGERAPIWDANARGSFVGLTR(MSE)HQKPE
(MSE)ARAVIEGIIFNLYDAASNLIKNTKKPVAINATGGFLKSDFVRQLCANIFNVPIVT(MSE)KEQQSGTLAA(MSE)
FLARQALGLNQDLSEIGQFAQADKVYFPNPKEAATYQKLFPLYCEIRNALAASYGKFSNINEGHHHHHH
;
_entity_poly.pdbx_strand_id   A
#
# COMPACT_ATOMS: atom_id res chain seq x y z
N SER A 2 -8.65 -22.75 -26.66
CA SER A 2 -7.28 -22.61 -27.16
C SER A 2 -6.67 -21.23 -26.90
N LEU A 3 -7.50 -20.19 -26.98
CA LEU A 3 -7.07 -18.86 -26.52
C LEU A 3 -6.91 -18.92 -25.00
N LYS A 4 -5.75 -18.48 -24.53
CA LYS A 4 -5.46 -18.52 -23.09
C LYS A 4 -5.50 -17.13 -22.49
N TYR A 5 -6.02 -17.03 -21.27
CA TYR A 5 -6.14 -15.76 -20.56
C TYR A 5 -5.65 -15.87 -19.12
N ILE A 6 -5.14 -14.76 -18.59
CA ILE A 6 -4.78 -14.66 -17.18
C ILE A 6 -5.68 -13.64 -16.49
N ILE A 7 -6.15 -13.99 -15.30
CA ILE A 7 -6.91 -13.04 -14.50
C ILE A 7 -6.05 -12.54 -13.35
N GLY A 8 -5.95 -11.23 -13.21
CA GLY A 8 -5.28 -10.63 -12.08
C GLY A 8 -6.34 -10.09 -11.16
N MSE A 9 -6.24 -10.47 -9.89
CA MSE A 9 -7.19 -10.03 -8.88
C MSE A 9 -6.51 -9.04 -7.93
O MSE A 9 -5.35 -9.22 -7.57
CB MSE A 9 -7.70 -11.24 -8.08
CG MSE A 9 -8.40 -12.29 -8.92
SE MSE A 9 -10.05 -11.59 -9.71
CE MSE A 9 -11.13 -11.48 -8.10
N ASP A 10 -7.25 -8.02 -7.53
CA ASP A 10 -6.77 -7.09 -6.52
C ASP A 10 -7.78 -6.95 -5.42
N VAL A 11 -7.51 -7.58 -4.28
CA VAL A 11 -8.44 -7.61 -3.18
C VAL A 11 -8.24 -6.42 -2.26
N GLY A 12 -8.95 -5.34 -2.54
CA GLY A 12 -8.80 -4.11 -1.79
C GLY A 12 -9.66 -4.04 -0.56
N THR A 13 -9.56 -2.92 0.13
CA THR A 13 -10.25 -2.70 1.39
C THR A 13 -11.74 -2.53 1.21
N THR A 14 -12.14 -1.88 0.13
CA THR A 14 -13.57 -1.67 -0.09
C THR A 14 -14.06 -2.33 -1.38
N ALA A 15 -13.13 -2.90 -2.14
CA ALA A 15 -13.50 -3.61 -3.35
C ALA A 15 -12.38 -4.51 -3.85
N THR A 16 -12.77 -5.57 -4.55
CA THR A 16 -11.82 -6.34 -5.32
C THR A 16 -11.96 -5.91 -6.77
N LYS A 17 -10.83 -5.73 -7.46
CA LYS A 17 -10.82 -5.42 -8.87
C LYS A 17 -10.26 -6.63 -9.61
N GLY A 18 -11.01 -7.14 -10.57
CA GLY A 18 -10.54 -8.22 -11.42
C GLY A 18 -10.24 -7.70 -12.81
N VAL A 19 -9.10 -8.09 -13.36
CA VAL A 19 -8.73 -7.70 -14.71
C VAL A 19 -8.29 -8.93 -15.51
N LEU A 20 -8.87 -9.07 -16.72
CA LEU A 20 -8.61 -10.21 -17.58
C LEU A 20 -7.63 -9.85 -18.68
N TYR A 21 -6.48 -10.50 -18.68
CA TYR A 21 -5.45 -10.22 -19.68
C TYR A 21 -5.37 -11.37 -20.67
N ASP A 22 -5.01 -11.08 -21.90
CA ASP A 22 -4.72 -12.14 -22.85
C ASP A 22 -3.25 -12.59 -22.76
N ILE A 23 -2.91 -13.64 -23.48
CA ILE A 23 -1.58 -14.25 -23.36
C ILE A 23 -0.48 -13.27 -23.79
N ASN A 24 -0.90 -12.11 -24.29
CA ASN A 24 0.03 -11.06 -24.68
C ASN A 24 0.23 -10.01 -23.57
N GLY A 25 -0.54 -10.13 -22.50
CA GLY A 25 -0.49 -9.15 -21.43
C GLY A 25 -1.45 -7.98 -21.61
N LYS A 26 -2.17 -7.96 -22.72
CA LYS A 26 -3.15 -6.90 -22.94
C LYS A 26 -4.43 -7.13 -22.14
N ALA A 27 -4.79 -6.14 -21.30
CA ALA A 27 -6.04 -6.20 -20.55
C ALA A 27 -7.21 -6.08 -21.51
N VAL A 28 -8.10 -7.07 -21.48
CA VAL A 28 -9.20 -7.11 -22.43
C VAL A 28 -10.52 -6.81 -21.73
N ALA A 29 -10.56 -7.02 -20.43
CA ALA A 29 -11.74 -6.69 -19.66
C ALA A 29 -11.41 -6.53 -18.18
N SER A 30 -12.28 -5.86 -17.46
CA SER A 30 -12.11 -5.76 -16.02
C SER A 30 -13.44 -5.54 -15.32
N VAL A 31 -13.60 -6.20 -14.17
CA VAL A 31 -14.80 -6.10 -13.36
C VAL A 31 -14.38 -5.97 -11.90
N SER A 32 -15.03 -5.09 -11.16
CA SER A 32 -14.78 -4.99 -9.73
C SER A 32 -16.10 -4.90 -8.97
N LYS A 33 -16.10 -5.46 -7.77
CA LYS A 33 -17.25 -5.32 -6.89
C LYS A 33 -16.78 -4.94 -5.49
N GLY A 34 -17.60 -4.15 -4.80
CA GLY A 34 -17.22 -3.63 -3.49
C GLY A 34 -17.91 -4.34 -2.36
N TYR A 35 -17.47 -4.03 -1.14
CA TYR A 35 -18.08 -4.56 0.07
C TYR A 35 -18.03 -3.50 1.14
N PRO A 36 -18.89 -3.63 2.16
CA PRO A 36 -18.93 -2.64 3.23
C PRO A 36 -17.78 -2.86 4.19
N LEU A 37 -17.21 -1.79 4.67
CA LEU A 37 -16.27 -1.90 5.73
C LEU A 37 -16.99 -1.67 7.02
N ILE A 38 -17.04 -2.68 7.87
CA ILE A 38 -17.67 -2.62 9.16
C ILE A 38 -16.98 -1.63 10.09
N GLN A 39 -17.63 -0.50 10.34
CA GLN A 39 -17.10 0.52 11.23
C GLN A 39 -18.02 0.88 12.38
N THR A 40 -18.60 -0.09 13.05
CA THR A 40 -19.55 0.21 14.12
C THR A 40 -19.14 1.42 14.93
N LYS A 41 -17.97 1.34 15.58
CA LYS A 41 -17.49 2.48 16.36
C LYS A 41 -16.04 2.84 16.08
N VAL A 42 -15.70 4.08 16.44
CA VAL A 42 -14.38 4.64 16.22
C VAL A 42 -13.22 3.66 16.22
N GLY A 43 -12.39 3.72 15.19
CA GLY A 43 -11.18 2.93 15.10
C GLY A 43 -11.41 1.54 14.55
N GLN A 44 -12.66 1.10 14.56
CA GLN A 44 -13.01 -0.21 14.03
C GLN A 44 -13.09 -0.20 12.51
N ALA A 45 -12.41 -1.15 11.89
CA ALA A 45 -12.44 -1.29 10.44
C ALA A 45 -12.29 -2.76 10.06
N GLU A 46 -13.43 -3.45 9.98
CA GLU A 46 -13.45 -4.87 9.66
C GLU A 46 -14.23 -5.10 8.37
N GLU A 47 -14.30 -6.35 7.96
CA GLU A 47 -15.08 -6.72 6.79
C GLU A 47 -15.33 -8.22 6.79
N ASP A 48 -16.44 -8.64 6.19
CA ASP A 48 -16.83 -10.05 6.14
C ASP A 48 -16.06 -10.76 5.04
N PRO A 49 -15.17 -11.69 5.43
CA PRO A 49 -14.41 -12.52 4.48
C PRO A 49 -15.32 -13.22 3.48
N LYS A 50 -16.50 -13.64 3.92
CA LYS A 50 -17.45 -14.32 3.04
C LYS A 50 -17.95 -13.36 1.98
N LEU A 51 -18.26 -12.13 2.41
CA LEU A 51 -18.62 -11.05 1.50
C LEU A 51 -17.57 -10.90 0.42
N ILE A 52 -16.31 -10.86 0.87
CA ILE A 52 -15.18 -10.63 -0.01
C ILE A 52 -15.04 -11.80 -0.97
N PHE A 53 -15.15 -13.01 -0.45
CA PHE A 53 -15.06 -14.18 -1.31
C PHE A 53 -16.19 -14.23 -2.34
N ASP A 54 -17.37 -13.78 -1.95
CA ASP A 54 -18.51 -13.79 -2.85
C ASP A 54 -18.25 -12.87 -4.02
N ALA A 55 -17.79 -11.67 -3.73
CA ALA A 55 -17.38 -10.75 -4.78
C ALA A 55 -16.37 -11.45 -5.68
N VAL A 56 -15.36 -12.06 -5.07
CA VAL A 56 -14.32 -12.74 -5.79
C VAL A 56 -14.85 -13.75 -6.82
N GLN A 57 -15.72 -14.66 -6.40
CA GLN A 57 -16.32 -15.62 -7.33
C GLN A 57 -17.05 -14.91 -8.44
N GLU A 58 -17.81 -13.90 -8.06
CA GLU A 58 -18.67 -13.17 -8.97
C GLU A 58 -17.83 -12.47 -10.03
N ILE A 59 -16.72 -11.90 -9.60
CA ILE A 59 -15.81 -11.19 -10.50
C ILE A 59 -15.18 -12.14 -11.51
N ILE A 60 -14.59 -13.22 -11.02
CA ILE A 60 -13.97 -14.21 -11.89
C ILE A 60 -14.96 -14.74 -12.91
N PHE A 61 -16.14 -15.14 -12.44
CA PHE A 61 -17.15 -15.69 -13.32
C PHE A 61 -17.53 -14.70 -14.41
N ASP A 62 -17.70 -13.44 -14.03
CA ASP A 62 -18.12 -12.42 -14.98
C ASP A 62 -17.03 -12.20 -16.02
N LEU A 63 -15.78 -12.38 -15.60
CA LEU A 63 -14.67 -12.26 -16.50
C LEU A 63 -14.63 -13.43 -17.48
N THR A 64 -14.89 -14.63 -16.97
CA THR A 64 -14.87 -15.82 -17.82
C THR A 64 -16.01 -15.78 -18.84
N GLN A 65 -17.13 -15.19 -18.45
CA GLN A 65 -18.27 -15.03 -19.35
C GLN A 65 -17.91 -14.22 -20.58
N LYS A 66 -16.96 -13.31 -20.42
CA LYS A 66 -16.64 -12.34 -21.46
C LYS A 66 -15.78 -12.89 -22.60
N ILE A 67 -15.15 -14.04 -22.37
CA ILE A 67 -14.33 -14.63 -23.42
C ILE A 67 -14.65 -16.10 -23.69
N ASP A 68 -14.11 -16.61 -24.78
CA ASP A 68 -14.21 -18.03 -25.09
C ASP A 68 -12.79 -18.57 -25.19
N GLY A 69 -12.31 -19.15 -24.10
CA GLY A 69 -10.98 -19.70 -24.06
C GLY A 69 -10.71 -20.29 -22.69
N LYS A 70 -9.45 -20.59 -22.40
CA LYS A 70 -9.07 -21.11 -21.10
C LYS A 70 -8.48 -20.02 -20.22
N ILE A 71 -8.89 -20.01 -18.96
CA ILE A 71 -8.22 -19.21 -17.96
C ILE A 71 -7.00 -19.99 -17.46
N ALA A 72 -5.81 -19.61 -17.95
CA ALA A 72 -4.59 -20.34 -17.60
C ALA A 72 -4.22 -20.20 -16.12
N ALA A 73 -4.42 -19.00 -15.58
CA ALA A 73 -4.09 -18.74 -14.18
C ALA A 73 -4.91 -17.58 -13.62
N ILE A 74 -5.11 -17.62 -12.31
CA ILE A 74 -5.70 -16.53 -11.57
C ILE A 74 -4.65 -16.10 -10.55
N SER A 75 -4.23 -14.83 -10.62
CA SER A 75 -3.17 -14.33 -9.74
C SER A 75 -3.67 -13.23 -8.80
N TRP A 76 -2.94 -12.98 -7.72
CA TRP A 76 -3.51 -12.24 -6.62
C TRP A 76 -2.67 -11.09 -6.11
N SER A 77 -3.30 -9.93 -6.06
CA SER A 77 -2.74 -8.78 -5.39
C SER A 77 -3.72 -8.45 -4.27
N SER A 78 -3.20 -8.13 -3.10
CA SER A 78 -4.07 -8.01 -1.94
C SER A 78 -3.65 -6.93 -0.97
N GLN A 79 -4.65 -6.29 -0.37
CA GLN A 79 -4.45 -5.43 0.77
C GLN A 79 -3.50 -6.11 1.76
N MSE A 80 -2.87 -5.30 2.61
CA MSE A 80 -1.94 -5.83 3.60
C MSE A 80 -2.46 -5.72 5.03
O MSE A 80 -3.44 -5.04 5.31
CB MSE A 80 -0.59 -5.10 3.49
CG MSE A 80 0.09 -5.29 2.13
SE MSE A 80 1.92 -4.60 2.04
CE MSE A 80 2.79 -5.88 3.25
N HIS A 81 -1.79 -6.43 5.93
CA HIS A 81 -2.01 -6.27 7.36
C HIS A 81 -3.35 -6.80 7.87
N SER A 82 -4.13 -7.40 6.98
CA SER A 82 -5.42 -7.94 7.37
C SER A 82 -5.20 -9.16 8.24
N LEU A 83 -6.12 -9.39 9.18
CA LEU A 83 -6.01 -10.48 10.15
C LEU A 83 -7.33 -11.23 10.31
N ILE A 84 -7.27 -12.55 10.14
CA ILE A 84 -8.44 -13.40 10.29
C ILE A 84 -8.09 -14.62 11.12
N GLY A 85 -8.97 -14.98 12.04
CA GLY A 85 -8.80 -16.16 12.85
C GLY A 85 -9.69 -17.30 12.41
N LEU A 86 -9.11 -18.50 12.32
CA LEU A 86 -9.85 -19.71 11.97
C LEU A 86 -9.97 -20.66 13.16
N GLY A 87 -11.11 -21.33 13.27
CA GLY A 87 -11.33 -22.30 14.33
C GLY A 87 -10.83 -23.69 13.97
N SER A 88 -10.95 -24.62 14.91
CA SER A 88 -10.56 -26.01 14.67
C SER A 88 -11.32 -26.58 13.48
N ASP A 89 -12.51 -26.03 13.22
CA ASP A 89 -13.32 -26.44 12.08
C ASP A 89 -12.99 -25.65 10.82
N ASP A 90 -11.92 -24.85 10.87
CA ASP A 90 -11.58 -23.95 9.77
C ASP A 90 -12.65 -22.88 9.61
N GLU A 91 -13.49 -22.69 10.63
CA GLU A 91 -14.56 -21.71 10.56
C GLU A 91 -14.10 -20.34 11.04
N LEU A 92 -14.73 -19.30 10.52
CA LEU A 92 -14.37 -17.93 10.84
C LEU A 92 -14.62 -17.57 12.29
N LEU A 93 -13.55 -17.34 13.04
CA LEU A 93 -13.65 -16.85 14.41
C LEU A 93 -13.80 -15.33 14.44
N THR A 94 -13.26 -14.66 13.43
CA THR A 94 -13.31 -13.21 13.34
C THR A 94 -13.68 -12.77 11.94
N ASN A 95 -14.02 -11.50 11.79
CA ASN A 95 -14.09 -10.89 10.47
C ASN A 95 -12.68 -10.58 10.03
N SER A 96 -12.53 -10.01 8.84
CA SER A 96 -11.22 -9.53 8.44
C SER A 96 -10.99 -8.20 9.13
N ILE A 97 -10.03 -8.16 10.05
CA ILE A 97 -9.65 -6.91 10.69
C ILE A 97 -8.62 -6.18 9.83
N THR A 98 -9.07 -5.20 9.07
CA THR A 98 -8.20 -4.53 8.12
C THR A 98 -7.06 -3.73 8.77
N TRP A 99 -6.14 -3.26 7.93
CA TRP A 99 -5.02 -2.45 8.37
C TRP A 99 -5.52 -1.19 9.08
N ALA A 100 -6.73 -0.77 8.75
CA ALA A 100 -7.27 0.52 9.21
C ALA A 100 -7.87 0.48 10.61
N ASP A 101 -8.08 -0.74 11.13
CA ASP A 101 -8.60 -0.94 12.46
C ASP A 101 -7.60 -0.52 13.52
N ASN A 102 -8.06 0.20 14.54
CA ASN A 102 -7.15 0.77 15.52
C ASN A 102 -7.22 0.07 16.87
N CYS A 103 -7.95 -1.04 16.93
CA CYS A 103 -8.15 -1.77 18.18
C CYS A 103 -6.86 -1.93 18.99
N ALA A 104 -5.74 -2.13 18.29
CA ALA A 104 -4.47 -2.42 18.94
C ALA A 104 -3.68 -1.17 19.28
N LYS A 105 -4.31 -0.01 19.10
CA LYS A 105 -3.60 1.27 19.24
C LYS A 105 -2.97 1.54 20.62
N SER A 106 -3.56 0.99 21.68
CA SER A 106 -3.00 1.14 23.03
C SER A 106 -1.83 0.17 23.21
N ILE A 107 -2.00 -1.05 22.71
CA ILE A 107 -0.95 -2.05 22.74
C ILE A 107 0.33 -1.51 22.14
N VAL A 108 0.19 -0.76 21.04
CA VAL A 108 1.37 -0.25 20.34
C VAL A 108 2.08 0.77 21.20
N GLN A 109 1.31 1.68 21.79
CA GLN A 109 1.86 2.75 22.60
C GLN A 109 2.65 2.17 23.75
N ASP A 110 2.06 1.18 24.42
CA ASP A 110 2.72 0.53 25.53
C ASP A 110 3.95 -0.26 25.09
N ALA A 111 3.80 -1.02 24.01
CA ALA A 111 4.94 -1.70 23.42
C ALA A 111 6.03 -0.68 23.09
N LYS A 112 5.59 0.47 22.59
CA LYS A 112 6.47 1.55 22.20
C LYS A 112 7.13 2.16 23.44
N ASN A 113 6.38 2.20 24.54
CA ASN A 113 6.92 2.68 25.81
C ASN A 113 7.98 1.77 26.41
N ARG A 114 7.82 0.47 26.22
CA ARG A 114 8.77 -0.51 26.77
C ARG A 114 9.96 -0.80 25.86
N GLY A 115 10.00 -0.16 24.69
CA GLY A 115 11.06 -0.43 23.74
C GLY A 115 10.83 -1.73 22.97
N PHE A 116 9.63 -2.27 23.08
CA PHE A 116 9.26 -3.52 22.42
C PHE A 116 8.87 -3.31 20.95
N ALA A 117 8.12 -2.26 20.67
CA ALA A 117 7.76 -1.91 19.31
C ALA A 117 9.01 -1.63 18.49
N GLN A 118 10.01 -1.05 19.13
CA GLN A 118 11.28 -0.76 18.48
C GLN A 118 11.95 -2.05 18.07
N GLN A 119 11.62 -3.11 18.81
CA GLN A 119 12.28 -4.39 18.68
C GLN A 119 11.64 -5.18 17.56
N ILE A 120 10.30 -5.21 17.56
CA ILE A 120 9.53 -5.74 16.46
C ILE A 120 9.98 -5.11 15.14
N TYR A 121 10.08 -3.78 15.12
CA TYR A 121 10.52 -3.08 13.91
C TYR A 121 11.93 -3.48 13.51
N ARG A 122 12.82 -3.54 14.49
CA ARG A 122 14.21 -3.89 14.26
C ARG A 122 14.32 -5.31 13.70
N LYS A 123 13.33 -6.14 14.02
CA LYS A 123 13.36 -7.55 13.66
C LYS A 123 12.58 -7.90 12.40
N THR A 124 11.54 -7.12 12.11
CA THR A 124 10.57 -7.51 11.08
C THR A 124 10.36 -6.42 10.05
N GLY A 125 10.91 -5.24 10.33
CA GLY A 125 10.75 -4.10 9.44
C GLY A 125 9.36 -3.50 9.50
N MSE A 126 8.59 -3.91 10.50
CA MSE A 126 7.27 -3.33 10.73
C MSE A 126 7.29 -2.03 11.54
O MSE A 126 7.69 -2.01 12.72
CB MSE A 126 6.37 -4.35 11.42
CG MSE A 126 5.00 -3.78 11.75
SE MSE A 126 4.02 -3.25 10.15
CE MSE A 126 2.67 -2.15 10.99
N PRO A 127 6.86 -0.91 10.92
CA PRO A 127 6.68 0.34 11.66
C PRO A 127 5.83 0.14 12.90
N MSE A 128 5.94 1.06 13.84
CA MSE A 128 5.24 0.93 15.10
C MSE A 128 3.84 1.48 14.94
O MSE A 128 3.57 2.63 15.27
CB MSE A 128 6.00 1.68 16.18
CG MSE A 128 7.48 1.44 16.08
SE MSE A 128 8.47 2.26 17.53
CE MSE A 128 10.26 2.26 16.77
N HIS A 129 2.96 0.65 14.43
CA HIS A 129 1.62 1.03 14.07
C HIS A 129 0.66 -0.11 14.35
N PRO A 130 -0.58 0.19 14.74
CA PRO A 130 -1.55 -0.89 15.05
C PRO A 130 -2.13 -1.58 13.82
N MSE A 131 -1.74 -1.15 12.62
CA MSE A 131 -2.17 -1.86 11.42
C MSE A 131 -1.60 -3.28 11.40
O MSE A 131 -2.16 -4.18 10.77
CB MSE A 131 -1.73 -1.12 10.16
CG MSE A 131 -0.21 -1.10 9.96
SE MSE A 131 0.40 0.15 8.58
CE MSE A 131 2.31 0.25 8.97
N ALA A 132 -0.48 -3.49 12.09
CA ALA A 132 0.19 -4.78 12.07
C ALA A 132 -0.57 -5.86 12.83
N PRO A 133 -0.83 -7.00 12.17
CA PRO A 133 -1.29 -8.25 12.77
C PRO A 133 -0.61 -8.58 14.10
N ILE A 134 0.71 -8.51 14.19
CA ILE A 134 1.38 -8.81 15.46
C ILE A 134 0.74 -8.05 16.61
N TYR A 135 0.50 -6.75 16.42
CA TYR A 135 -0.14 -5.94 17.45
C TYR A 135 -1.62 -6.30 17.59
N LYS A 136 -2.28 -6.55 16.47
CA LYS A 136 -3.68 -6.98 16.51
C LYS A 136 -3.82 -8.28 17.31
N LEU A 137 -2.89 -9.22 17.11
CA LEU A 137 -2.87 -10.48 17.83
C LEU A 137 -2.68 -10.28 19.33
N LEU A 138 -1.68 -9.47 19.70
CA LEU A 138 -1.41 -9.19 21.10
C LEU A 138 -2.68 -8.70 21.79
N TRP A 139 -3.42 -7.85 21.08
CA TRP A 139 -4.64 -7.26 21.63
C TRP A 139 -5.72 -8.31 21.80
N LEU A 140 -5.83 -9.20 20.83
CA LEU A 140 -6.80 -10.29 20.90
C LEU A 140 -6.46 -11.25 22.03
N LYS A 141 -5.16 -11.50 22.21
CA LYS A 141 -4.66 -12.39 23.25
C LYS A 141 -4.90 -11.86 24.66
N ASN A 142 -5.27 -10.58 24.75
CA ASN A 142 -5.38 -9.91 26.05
C ASN A 142 -6.71 -9.23 26.34
N LYS A 143 -7.63 -9.25 25.38
CA LYS A 143 -8.94 -8.63 25.59
C LYS A 143 -10.03 -9.40 24.88
N LYS A 144 -9.62 -10.33 24.01
CA LYS A 144 -10.53 -11.28 23.39
C LYS A 144 -9.98 -12.69 23.58
N THR A 145 -9.65 -12.99 24.83
CA THR A 145 -9.06 -14.27 25.22
C THR A 145 -9.83 -15.48 24.69
N GLU A 146 -11.16 -15.34 24.56
CA GLU A 146 -12.01 -16.43 24.10
C GLU A 146 -11.65 -16.90 22.68
N VAL A 147 -11.82 -16.02 21.70
CA VAL A 147 -11.55 -16.38 20.32
C VAL A 147 -10.07 -16.67 20.11
N PHE A 148 -9.22 -16.02 20.90
CA PHE A 148 -7.80 -16.29 20.81
C PHE A 148 -7.51 -17.72 21.25
N SER A 149 -8.24 -18.14 22.27
CA SER A 149 -8.10 -19.49 22.79
C SER A 149 -8.34 -20.52 21.69
N GLN A 150 -9.44 -20.34 20.96
CA GLN A 150 -9.86 -21.32 19.97
C GLN A 150 -9.29 -21.12 18.56
N ALA A 151 -8.57 -20.03 18.34
CA ALA A 151 -7.97 -19.79 17.04
C ALA A 151 -6.88 -20.82 16.72
N GLN A 152 -7.09 -21.59 15.67
CA GLN A 152 -6.11 -22.57 15.24
C GLN A 152 -5.25 -22.02 14.11
N LYS A 153 -5.82 -21.09 13.36
CA LYS A 153 -5.12 -20.45 12.26
C LYS A 153 -5.29 -18.94 12.30
N TRP A 154 -4.18 -18.23 12.16
CA TRP A 154 -4.21 -16.78 12.03
C TRP A 154 -3.74 -16.42 10.63
N ILE A 155 -4.65 -15.88 9.82
CA ILE A 155 -4.37 -15.64 8.42
C ILE A 155 -4.83 -14.26 7.96
N GLY A 156 -4.64 -13.98 6.67
CA GLY A 156 -5.12 -12.76 6.07
C GLY A 156 -6.14 -13.05 4.99
N ILE A 157 -6.76 -12.01 4.43
CA ILE A 157 -7.82 -12.16 3.44
C ILE A 157 -7.35 -12.90 2.18
N LYS A 158 -6.09 -12.73 1.80
CA LYS A 158 -5.59 -13.47 0.65
C LYS A 158 -5.45 -14.95 0.96
N GLU A 159 -4.87 -15.28 2.11
CA GLU A 159 -4.78 -16.67 2.55
C GLU A 159 -6.18 -17.26 2.59
N TYR A 160 -7.12 -16.48 3.11
CA TYR A 160 -8.50 -16.94 3.27
C TYR A 160 -9.16 -17.26 1.94
N ILE A 161 -9.01 -16.37 0.96
CA ILE A 161 -9.62 -16.59 -0.35
C ILE A 161 -9.06 -17.83 -1.00
N ILE A 162 -7.73 -17.95 -0.97
CA ILE A 162 -7.05 -19.06 -1.60
C ILE A 162 -7.40 -20.38 -0.91
N PHE A 163 -7.54 -20.35 0.40
CA PHE A 163 -7.89 -21.52 1.18
C PHE A 163 -9.30 -22.00 0.86
N ARG A 164 -10.21 -21.05 0.63
CA ARG A 164 -11.57 -21.39 0.20
C ARG A 164 -11.59 -22.16 -1.12
N LEU A 165 -10.67 -21.80 -2.01
CA LEU A 165 -10.70 -22.30 -3.38
C LEU A 165 -9.88 -23.58 -3.55
N THR A 166 -9.11 -23.90 -2.53
CA THR A 166 -7.97 -24.78 -2.72
C THR A 166 -7.77 -25.74 -1.55
N GLY A 167 -8.27 -25.37 -0.38
CA GLY A 167 -8.05 -26.14 0.82
C GLY A 167 -6.61 -26.04 1.30
N LYS A 168 -5.85 -25.10 0.74
CA LYS A 168 -4.48 -24.89 1.19
C LYS A 168 -4.28 -23.54 1.90
N LEU A 169 -3.49 -23.56 2.97
CA LEU A 169 -3.18 -22.36 3.72
C LEU A 169 -1.77 -21.88 3.42
N VAL A 170 -1.65 -20.98 2.45
CA VAL A 170 -0.35 -20.47 2.06
C VAL A 170 -0.34 -18.96 2.00
N THR A 171 0.77 -18.37 2.42
CA THR A 171 0.97 -16.95 2.25
C THR A 171 2.29 -16.78 1.54
N ASP A 172 2.50 -15.63 0.90
CA ASP A 172 3.75 -15.37 0.20
C ASP A 172 4.63 -14.49 1.05
N THR A 173 5.91 -14.42 0.72
CA THR A 173 6.84 -13.63 1.51
C THR A 173 6.39 -12.18 1.73
N THR A 174 5.99 -11.50 0.64
CA THR A 174 5.60 -10.11 0.74
C THR A 174 4.43 -9.88 1.68
N MSE A 175 3.49 -10.82 1.71
CA MSE A 175 2.33 -10.68 2.58
C MSE A 175 2.69 -10.90 4.03
O MSE A 175 2.29 -10.15 4.91
CB MSE A 175 1.23 -11.65 2.16
CG MSE A 175 -0.06 -11.45 2.92
SE MSE A 175 -0.84 -9.69 2.60
CE MSE A 175 -1.18 -9.83 0.69
N ALA A 176 3.47 -11.96 4.27
CA ALA A 176 4.01 -12.24 5.59
C ALA A 176 4.83 -11.05 6.11
N ALA A 177 5.38 -10.27 5.19
CA ALA A 177 6.24 -9.16 5.57
C ALA A 177 5.41 -8.06 6.20
N GLY A 178 4.10 -8.17 6.04
CA GLY A 178 3.17 -7.19 6.57
C GLY A 178 2.44 -7.66 7.81
N THR A 179 2.96 -8.69 8.47
CA THR A 179 2.33 -9.16 9.69
C THR A 179 3.02 -8.56 10.89
N GLY A 180 4.32 -8.33 10.76
CA GLY A 180 5.13 -7.85 11.86
C GLY A 180 5.75 -9.02 12.60
N ILE A 181 5.68 -10.19 11.99
CA ILE A 181 6.17 -11.42 12.62
C ILE A 181 7.28 -12.06 11.81
N LEU A 182 7.37 -11.71 10.53
CA LEU A 182 8.40 -12.28 9.66
C LEU A 182 9.77 -11.65 9.95
N ASN A 183 10.74 -12.48 10.30
CA ASN A 183 12.11 -12.02 10.52
C ASN A 183 12.74 -11.54 9.22
N LEU A 184 13.41 -10.39 9.26
CA LEU A 184 14.07 -9.83 8.08
C LEU A 184 15.25 -10.68 7.63
N LYS A 185 15.99 -11.21 8.59
CA LYS A 185 17.20 -11.95 8.24
C LYS A 185 16.90 -13.35 7.73
N THR A 186 16.02 -14.07 8.44
CA THR A 186 15.73 -15.45 8.09
C THR A 186 14.63 -15.59 7.03
N LEU A 187 13.74 -14.60 6.98
CA LEU A 187 12.58 -14.64 6.09
C LEU A 187 11.63 -15.77 6.49
N THR A 188 11.70 -16.17 7.75
CA THR A 188 10.69 -17.06 8.33
C THR A 188 10.13 -16.38 9.56
N TRP A 189 9.08 -16.97 10.15
CA TRP A 189 8.51 -16.44 11.37
C TRP A 189 9.57 -16.24 12.46
N ASP A 190 9.57 -15.07 13.08
CA ASP A 190 10.50 -14.78 14.16
C ASP A 190 10.07 -15.53 15.42
N GLN A 191 10.88 -16.51 15.82
CA GLN A 191 10.53 -17.38 16.94
C GLN A 191 10.36 -16.60 18.22
N GLU A 192 11.28 -15.66 18.47
CA GLU A 192 11.25 -14.83 19.66
C GLU A 192 9.90 -14.12 19.77
N LEU A 193 9.39 -13.64 18.65
CA LEU A 193 8.08 -12.99 18.61
C LEU A 193 6.92 -13.98 18.76
N LEU A 194 7.07 -15.15 18.15
CA LEU A 194 6.07 -16.20 18.28
C LEU A 194 5.87 -16.58 19.75
N ASP A 195 6.98 -16.64 20.49
CA ASP A 195 6.94 -17.03 21.89
C ASP A 195 6.20 -15.98 22.72
N ILE A 196 6.49 -14.71 22.46
CA ILE A 196 5.79 -13.64 23.16
C ILE A 196 4.31 -13.56 22.79
N LEU A 197 3.99 -13.85 21.53
CA LEU A 197 2.61 -13.87 21.06
C LEU A 197 1.86 -15.05 21.66
N LYS A 198 2.62 -16.06 22.08
CA LYS A 198 2.04 -17.34 22.51
C LYS A 198 1.38 -18.03 21.32
N ILE A 199 1.89 -17.74 20.13
CA ILE A 199 1.41 -18.37 18.91
C ILE A 199 2.43 -19.43 18.47
N LYS A 200 1.96 -20.44 17.73
CA LYS A 200 2.82 -21.50 17.22
C LYS A 200 3.00 -21.41 15.72
N LYS A 201 4.22 -21.66 15.26
CA LYS A 201 4.54 -21.71 13.85
C LYS A 201 3.43 -22.41 13.05
N GLU A 202 2.78 -23.37 13.72
CA GLU A 202 1.75 -24.20 13.11
C GLU A 202 0.43 -23.48 12.88
N GLN A 203 0.15 -22.45 13.67
CA GLN A 203 -1.08 -21.69 13.53
C GLN A 203 -1.00 -20.65 12.41
N LEU A 204 0.06 -20.72 11.62
CA LEU A 204 0.30 -19.73 10.59
C LEU A 204 0.45 -20.40 9.24
N PRO A 205 -0.03 -19.73 8.18
CA PRO A 205 0.18 -20.23 6.82
C PRO A 205 1.65 -20.57 6.62
N LYS A 206 1.94 -21.52 5.75
CA LYS A 206 3.30 -21.73 5.33
C LYS A 206 3.63 -20.58 4.40
N ILE A 207 4.92 -20.27 4.26
CA ILE A 207 5.33 -19.16 3.41
C ILE A 207 5.93 -19.69 2.12
N ALA A 208 5.49 -19.14 0.99
CA ALA A 208 6.05 -19.54 -0.29
C ALA A 208 6.38 -18.31 -1.14
N GLN A 209 6.97 -18.56 -2.31
CA GLN A 209 7.19 -17.51 -3.28
C GLN A 209 5.85 -17.07 -3.82
N PRO A 210 5.76 -15.79 -4.24
CA PRO A 210 4.55 -15.24 -4.86
C PRO A 210 4.18 -15.99 -6.14
N THR A 211 5.17 -16.58 -6.80
CA THR A 211 4.93 -17.30 -8.05
C THR A 211 4.47 -18.73 -7.83
N LYS A 212 4.42 -19.18 -6.58
CA LYS A 212 4.04 -20.58 -6.36
C LYS A 212 2.69 -20.87 -6.95
N VAL A 213 2.59 -22.02 -7.61
CA VAL A 213 1.32 -22.49 -8.13
C VAL A 213 0.60 -23.26 -7.04
N ILE A 214 -0.65 -22.91 -6.82
CA ILE A 214 -1.47 -23.62 -5.85
C ILE A 214 -2.56 -24.40 -6.59
N PHE A 215 -2.46 -25.71 -6.53
CA PHE A 215 -3.25 -26.61 -7.37
C PHE A 215 -3.63 -27.82 -6.52
N PRO A 216 -4.87 -28.33 -6.70
CA PRO A 216 -5.82 -27.81 -7.67
C PRO A 216 -6.90 -26.97 -7.00
N ILE A 217 -7.73 -26.35 -7.82
CA ILE A 217 -8.92 -25.64 -7.36
C ILE A 217 -10.06 -26.64 -7.15
N LYS A 218 -10.67 -26.58 -5.97
CA LYS A 218 -11.81 -27.44 -5.66
C LYS A 218 -12.86 -27.37 -6.77
N THR A 219 -13.37 -28.54 -7.15
CA THR A 219 -14.26 -28.69 -8.30
C THR A 219 -15.49 -27.81 -8.19
N GLU A 220 -15.97 -27.64 -6.96
CA GLU A 220 -17.09 -26.77 -6.68
C GLU A 220 -16.94 -25.41 -7.38
N TYR A 221 -15.77 -24.80 -7.24
CA TYR A 221 -15.55 -23.47 -7.79
C TYR A 221 -15.10 -23.51 -9.24
N VAL A 222 -14.39 -24.56 -9.63
CA VAL A 222 -14.03 -24.70 -11.03
C VAL A 222 -15.29 -24.53 -11.85
N LYS A 223 -16.38 -25.14 -11.37
CA LYS A 223 -17.66 -25.07 -12.05
C LYS A 223 -18.26 -23.69 -11.87
N LYS A 224 -18.42 -23.29 -10.61
CA LYS A 224 -18.96 -21.98 -10.29
C LYS A 224 -18.29 -20.84 -11.06
N LEU A 225 -16.96 -20.80 -11.05
CA LEU A 225 -16.23 -19.66 -11.58
C LEU A 225 -16.08 -19.72 -13.09
N GLY A 226 -16.54 -20.80 -13.70
CA GLY A 226 -16.45 -20.95 -15.14
C GLY A 226 -15.05 -21.10 -15.66
N ILE A 227 -14.22 -21.86 -14.94
CA ILE A 227 -12.84 -22.11 -15.35
C ILE A 227 -12.59 -23.59 -15.59
N ASP A 228 -11.34 -23.94 -15.89
CA ASP A 228 -10.96 -25.32 -16.18
C ASP A 228 -10.43 -26.02 -14.94
N SER A 229 -10.26 -27.33 -15.06
CA SER A 229 -9.70 -28.13 -13.97
C SER A 229 -8.19 -27.89 -13.88
N ASP A 230 -7.61 -27.31 -14.93
CA ASP A 230 -6.18 -27.00 -14.93
C ASP A 230 -5.86 -25.51 -14.80
N THR A 231 -6.85 -24.71 -14.41
CA THR A 231 -6.64 -23.30 -14.08
C THR A 231 -5.81 -23.19 -12.80
N LYS A 232 -4.60 -22.66 -12.92
CA LYS A 232 -3.70 -22.51 -11.79
C LYS A 232 -4.03 -21.30 -10.92
N ILE A 233 -3.84 -21.44 -9.62
CA ILE A 233 -3.85 -20.30 -8.73
C ILE A 233 -2.40 -19.89 -8.51
N ILE A 234 -2.09 -18.63 -8.79
CA ILE A 234 -0.78 -18.11 -8.44
C ILE A 234 -0.90 -17.41 -7.10
N LEU A 235 0.00 -17.75 -6.17
CA LEU A 235 -0.06 -17.27 -4.80
C LEU A 235 -0.24 -15.74 -4.74
N GLY A 236 0.49 -15.03 -5.60
CA GLY A 236 0.42 -13.59 -5.63
C GLY A 236 1.24 -12.96 -4.51
N ALA A 237 1.00 -11.68 -4.28
CA ALA A 237 1.74 -10.94 -3.27
C ALA A 237 0.94 -9.73 -2.82
N SER A 238 1.58 -8.82 -2.09
CA SER A 238 0.91 -7.67 -1.51
C SER A 238 0.70 -6.56 -2.54
N ASP A 239 -0.34 -5.74 -2.33
CA ASP A 239 -0.57 -4.58 -3.19
C ASP A 239 0.63 -3.66 -3.19
N GLY A 240 1.34 -3.59 -2.08
CA GLY A 240 2.46 -2.69 -1.95
C GLY A 240 3.60 -3.12 -2.82
N TYR A 241 3.92 -4.41 -2.78
CA TYR A 241 4.99 -4.93 -3.59
C TYR A 241 4.60 -4.90 -5.06
N LEU A 242 3.39 -5.37 -5.37
CA LEU A 242 2.98 -5.54 -6.77
C LEU A 242 2.81 -4.19 -7.46
N SER A 243 2.36 -3.20 -6.71
CA SER A 243 2.18 -1.88 -7.28
C SER A 243 3.53 -1.27 -7.61
N THR A 244 4.57 -1.65 -6.88
CA THR A 244 5.91 -1.14 -7.14
C THR A 244 6.53 -1.81 -8.37
N ILE A 245 6.54 -3.14 -8.41
CA ILE A 245 7.03 -3.81 -9.61
C ILE A 245 6.10 -3.56 -10.81
N GLY A 246 4.83 -3.28 -10.54
CA GLY A 246 3.89 -2.99 -11.61
C GLY A 246 4.05 -1.64 -12.30
N VAL A 247 4.88 -0.77 -11.72
CA VAL A 247 5.21 0.49 -12.38
C VAL A 247 6.68 0.43 -12.82
N ASN A 248 7.20 -0.79 -12.83
CA ASN A 248 8.56 -1.08 -13.26
C ASN A 248 9.64 -0.49 -12.35
N ALA A 249 9.29 -0.28 -11.09
CA ALA A 249 10.26 0.20 -10.11
C ALA A 249 10.86 -1.00 -9.43
N ILE A 250 11.75 -1.70 -10.14
CA ILE A 250 12.21 -3.01 -9.68
C ILE A 250 13.56 -3.01 -8.94
N ASP A 251 14.28 -1.88 -8.95
CA ASP A 251 15.58 -1.80 -8.30
C ASP A 251 15.74 -0.47 -7.57
N SER A 252 16.85 -0.32 -6.85
CA SER A 252 17.07 0.87 -6.03
C SER A 252 17.21 2.15 -6.85
N ASP A 253 17.43 2.00 -8.15
CA ASP A 253 17.63 3.18 -8.99
C ASP A 253 16.30 3.85 -9.30
N HIS A 254 15.21 3.25 -8.84
CA HIS A 254 13.89 3.79 -9.08
C HIS A 254 13.12 3.78 -7.79
N CYS A 255 11.95 4.41 -7.82
CA CYS A 255 10.98 4.20 -6.77
C CYS A 255 9.61 4.46 -7.33
N ALA A 256 8.59 4.04 -6.59
CA ALA A 256 7.22 4.19 -7.02
C ALA A 256 6.50 5.17 -6.11
N LEU A 257 5.92 6.18 -6.71
CA LEU A 257 5.11 7.13 -6.00
C LEU A 257 3.73 6.96 -6.56
N ASN A 258 2.82 6.52 -5.71
CA ASN A 258 1.42 6.52 -6.07
C ASN A 258 0.66 7.44 -5.13
N VAL A 259 -0.17 8.31 -5.70
CA VAL A 259 -0.98 9.20 -4.88
C VAL A 259 -2.41 9.33 -5.39
N GLY A 260 -3.34 8.81 -4.60
CA GLY A 260 -4.76 8.98 -4.85
C GLY A 260 -5.32 9.80 -3.71
N THR A 261 -6.37 9.27 -3.08
CA THR A 261 -6.90 9.86 -1.86
C THR A 261 -5.79 9.89 -0.82
N SER A 262 -5.16 8.74 -0.61
CA SER A 262 -3.94 8.68 0.16
C SER A 262 -2.87 8.32 -0.85
N GLY A 263 -1.62 8.17 -0.41
CA GLY A 263 -0.55 7.83 -1.31
C GLY A 263 0.51 6.94 -0.68
N ALA A 264 1.61 6.75 -1.39
CA ALA A 264 2.68 5.87 -0.93
C ALA A 264 3.93 6.11 -1.75
N ILE A 265 5.07 6.05 -1.09
CA ILE A 265 6.35 6.07 -1.79
C ILE A 265 7.09 4.77 -1.45
N ARG A 266 7.59 4.09 -2.47
CA ARG A 266 8.31 2.83 -2.25
C ARG A 266 9.46 2.62 -3.22
N THR A 267 10.41 1.80 -2.78
CA THR A 267 11.54 1.41 -3.60
C THR A 267 11.92 0.00 -3.17
N ILE A 268 12.63 -0.72 -4.03
CA ILE A 268 13.05 -2.09 -3.73
C ILE A 268 14.56 -2.16 -3.66
N VAL A 269 15.10 -2.77 -2.60
CA VAL A 269 16.55 -2.79 -2.40
C VAL A 269 17.15 -4.18 -2.18
N ASP A 270 18.49 -4.22 -2.21
CA ASP A 270 19.31 -5.43 -2.13
C ASP A 270 19.08 -6.25 -0.87
N GLN A 271 19.04 -5.54 0.24
CA GLN A 271 19.07 -6.22 1.52
C GLN A 271 18.15 -5.51 2.50
N PRO A 272 17.89 -6.14 3.65
CA PRO A 272 17.05 -5.44 4.64
C PRO A 272 17.69 -4.08 4.91
N LYS A 273 16.91 -3.12 5.37
CA LYS A 273 17.43 -1.80 5.63
C LYS A 273 16.41 -1.09 6.47
N ILE A 274 16.71 -0.90 7.73
CA ILE A 274 15.76 -0.26 8.60
C ILE A 274 16.27 1.12 8.96
N ASP A 275 15.36 1.91 9.48
CA ASP A 275 15.60 3.29 9.80
C ASP A 275 15.75 3.40 11.30
N PRO A 276 16.90 3.94 11.76
CA PRO A 276 17.08 4.25 13.18
C PRO A 276 15.79 4.84 13.78
N SER A 277 15.06 5.60 12.99
CA SER A 277 13.85 6.27 13.47
C SER A 277 12.58 5.52 13.10
N ALA A 278 12.72 4.42 12.36
CA ALA A 278 11.60 3.60 11.96
C ALA A 278 10.57 4.41 11.21
N SER A 279 11.02 5.32 10.35
CA SER A 279 10.11 6.19 9.59
C SER A 279 9.63 5.55 8.29
N TYR A 280 10.15 4.38 7.97
CA TYR A 280 9.69 3.64 6.80
C TYR A 280 9.67 2.12 7.07
N PHE A 281 8.79 1.42 6.38
CA PHE A 281 8.72 -0.03 6.49
C PHE A 281 9.78 -0.71 5.64
N CYS A 282 10.14 -1.93 6.04
CA CYS A 282 11.00 -2.79 5.23
C CYS A 282 10.32 -4.15 5.10
N TYR A 283 9.61 -4.34 4.00
CA TYR A 283 8.90 -5.59 3.76
C TYR A 283 9.68 -6.45 2.76
N PRO A 284 10.24 -7.58 3.21
CA PRO A 284 10.96 -8.46 2.28
C PRO A 284 10.04 -9.03 1.20
N ALA A 285 10.57 -9.14 -0.02
CA ALA A 285 9.91 -9.91 -1.08
C ALA A 285 10.58 -11.28 -1.19
N ASP A 286 11.92 -11.26 -1.27
CA ASP A 286 12.74 -12.47 -1.15
C ASP A 286 14.11 -12.09 -0.57
N LYS A 287 15.09 -12.95 -0.69
CA LYS A 287 16.38 -12.72 -0.01
C LYS A 287 17.15 -11.54 -0.59
N THR A 288 16.89 -11.20 -1.84
CA THR A 288 17.63 -10.13 -2.49
C THR A 288 16.75 -8.94 -2.88
N HIS A 289 15.52 -8.91 -2.38
CA HIS A 289 14.58 -7.85 -2.72
C HIS A 289 13.73 -7.45 -1.53
N TYR A 290 13.97 -6.23 -1.03
CA TYR A 290 13.21 -5.72 0.09
C TYR A 290 12.50 -4.42 -0.27
N LEU A 291 11.21 -4.38 0.01
CA LEU A 291 10.38 -3.23 -0.29
C LEU A 291 10.50 -2.19 0.84
N LEU A 292 11.08 -1.05 0.54
CA LEU A 292 11.07 0.04 1.52
C LEU A 292 9.97 1.01 1.13
N GLY A 293 9.33 1.61 2.12
CA GLY A 293 8.30 2.56 1.80
C GLY A 293 7.65 3.24 2.98
N GLY A 294 6.84 4.23 2.65
CA GLY A 294 6.04 4.91 3.63
C GLY A 294 4.68 5.04 3.02
N PRO A 295 3.66 4.53 3.71
CA PRO A 295 2.27 4.82 3.37
C PRO A 295 1.94 6.23 3.89
N VAL A 296 1.33 7.07 3.07
CA VAL A 296 1.05 8.45 3.46
C VAL A 296 -0.45 8.73 3.35
N ASN A 297 -1.12 8.94 4.50
CA ASN A 297 -2.57 9.17 4.55
C ASN A 297 -3.04 10.41 3.80
N ASN A 298 -2.21 11.44 3.82
CA ASN A 298 -2.68 12.78 3.44
C ASN A 298 -2.40 13.11 1.99
N GLY A 299 -3.10 12.42 1.10
CA GLY A 299 -2.93 12.63 -0.32
C GLY A 299 -4.01 13.55 -0.84
N GLY A 300 -4.70 13.11 -1.88
CA GLY A 300 -5.74 13.91 -2.48
C GLY A 300 -6.90 14.17 -1.53
N ILE A 301 -7.02 13.36 -0.49
CA ILE A 301 -8.06 13.58 0.49
C ILE A 301 -7.92 14.98 1.06
N VAL A 302 -6.67 15.42 1.21
CA VAL A 302 -6.38 16.72 1.79
C VAL A 302 -6.63 17.82 0.75
N PHE A 303 -6.33 17.53 -0.50
CA PHE A 303 -6.59 18.45 -1.61
C PHE A 303 -8.08 18.75 -1.70
N ASN A 304 -8.89 17.72 -1.55
CA ASN A 304 -10.33 17.90 -1.60
C ASN A 304 -10.86 18.68 -0.43
N TRP A 305 -10.28 18.46 0.75
CA TRP A 305 -10.64 19.24 1.91
C TRP A 305 -10.40 20.70 1.59
N ALA A 306 -9.19 21.00 1.12
CA ALA A 306 -8.82 22.37 0.73
C ALA A 306 -9.71 22.96 -0.35
N ARG A 307 -9.93 22.19 -1.43
CA ARG A 307 -10.83 22.59 -2.51
C ARG A 307 -12.09 23.22 -1.93
N GLN A 308 -12.62 22.59 -0.90
CA GLN A 308 -13.95 22.88 -0.43
C GLN A 308 -13.99 23.92 0.69
N THR A 309 -13.14 23.77 1.70
CA THR A 309 -13.19 24.72 2.79
C THR A 309 -12.50 26.04 2.42
N LEU A 310 -11.50 25.96 1.56
CA LEU A 310 -10.77 27.14 1.13
C LEU A 310 -11.59 27.92 0.09
N PHE A 311 -12.37 27.22 -0.72
CA PHE A 311 -13.30 27.86 -1.66
C PHE A 311 -14.75 27.53 -1.28
N ASP A 312 -15.40 26.69 -2.05
CA ASP A 312 -16.69 26.16 -1.65
C ASP A 312 -16.92 24.83 -2.35
N ALA A 313 -18.08 24.22 -2.12
CA ALA A 313 -18.34 22.89 -2.66
C ALA A 313 -18.44 22.83 -4.19
N ASP A 314 -18.58 23.98 -4.84
CA ASP A 314 -18.67 24.03 -6.30
C ASP A 314 -17.32 24.34 -6.93
N GLU A 315 -16.26 24.28 -6.13
CA GLU A 315 -14.92 24.51 -6.64
C GLU A 315 -14.39 23.24 -7.31
N THR A 316 -14.24 23.26 -8.62
CA THR A 316 -13.71 22.09 -9.31
C THR A 316 -12.22 21.95 -8.98
N PRO A 317 -11.70 20.71 -9.04
CA PRO A 317 -10.27 20.50 -8.80
C PRO A 317 -9.43 21.34 -9.77
N GLN A 318 -9.89 21.47 -11.01
CA GLN A 318 -9.18 22.31 -11.97
C GLN A 318 -9.22 23.81 -11.60
N ASP A 319 -10.37 24.28 -11.13
CA ASP A 319 -10.49 25.66 -10.68
C ASP A 319 -9.42 25.91 -9.64
N PHE A 320 -9.32 24.97 -8.70
CA PHE A 320 -8.37 25.06 -7.60
C PHE A 320 -6.93 25.09 -8.12
N LEU A 321 -6.60 24.15 -8.99
CA LEU A 321 -5.28 24.11 -9.60
C LEU A 321 -4.94 25.41 -10.29
N ASP A 322 -5.87 25.91 -11.10
CA ASP A 322 -5.68 27.18 -11.81
C ASP A 322 -5.35 28.31 -10.86
N VAL A 323 -6.18 28.47 -9.83
CA VAL A 323 -5.90 29.48 -8.81
C VAL A 323 -4.55 29.27 -8.12
N ALA A 324 -4.30 28.06 -7.61
CA ALA A 324 -3.00 27.76 -7.02
C ALA A 324 -1.88 28.23 -7.94
N GLN A 325 -2.05 28.02 -9.23
CA GLN A 325 -0.99 28.35 -10.17
C GLN A 325 -0.73 29.85 -10.30
N THR A 326 -1.72 30.68 -9.95
CA THR A 326 -1.52 32.12 -10.03
C THR A 326 -0.61 32.65 -8.92
N ALA A 327 -0.25 31.77 -7.99
CA ALA A 327 0.69 32.14 -6.93
C ALA A 327 2.08 31.70 -7.33
N PRO A 328 3.11 32.39 -6.83
CA PRO A 328 4.46 32.01 -7.24
C PRO A 328 4.82 30.67 -6.62
N ALA A 329 5.76 29.97 -7.23
CA ALA A 329 6.28 28.72 -6.67
C ALA A 329 6.93 28.97 -5.32
N GLY A 330 6.48 28.24 -4.31
CA GLY A 330 6.95 28.47 -2.96
C GLY A 330 5.87 29.16 -2.13
N SER A 331 4.84 29.66 -2.80
CA SER A 331 3.73 30.33 -2.15
C SER A 331 4.22 31.42 -1.21
N ARG A 332 5.16 32.23 -1.69
CA ARG A 332 5.81 33.26 -0.90
C ARG A 332 6.18 32.74 0.49
N ASN A 333 6.76 31.56 0.54
CA ASN A 333 7.24 30.99 1.80
C ASN A 333 6.16 30.54 2.80
N LEU A 334 4.93 30.39 2.34
CA LEU A 334 3.88 29.83 3.17
C LEU A 334 4.07 28.31 3.28
N ILE A 335 4.07 27.79 4.50
CA ILE A 335 4.17 26.35 4.73
C ILE A 335 2.84 25.74 5.13
N PHE A 336 2.49 24.63 4.51
CA PHE A 336 1.31 23.89 4.90
C PHE A 336 1.69 22.43 5.24
N LEU A 337 1.64 22.10 6.53
CA LEU A 337 1.81 20.73 6.99
C LEU A 337 0.48 20.01 6.80
N PRO A 338 0.45 18.96 5.96
CA PRO A 338 -0.80 18.40 5.44
C PRO A 338 -1.44 17.37 6.34
N TYR A 339 -1.04 17.32 7.60
CA TYR A 339 -1.40 16.19 8.47
C TYR A 339 -2.85 16.19 8.95
N LEU A 340 -3.80 16.43 8.05
CA LEU A 340 -5.21 16.46 8.47
C LEU A 340 -5.69 15.23 9.23
N GLY A 341 -5.34 14.05 8.76
CA GLY A 341 -5.87 12.83 9.37
C GLY A 341 -4.89 12.05 10.20
N GLY A 342 -4.11 12.74 11.02
CA GLY A 342 -2.94 12.11 11.60
C GLY A 342 -2.10 11.67 10.43
N GLU A 343 -0.99 10.99 10.69
CA GLU A 343 -0.10 10.64 9.62
C GLU A 343 0.75 9.42 9.95
N ARG A 344 0.91 8.55 8.96
CA ARG A 344 1.90 7.49 9.07
C ARG A 344 3.22 8.07 8.58
N ALA A 345 3.79 7.52 7.52
CA ALA A 345 5.02 8.07 6.98
C ALA A 345 4.77 9.52 6.58
N PRO A 346 5.73 10.40 6.86
CA PRO A 346 7.03 10.08 7.48
C PRO A 346 7.07 10.31 8.97
N ILE A 347 6.03 10.87 9.56
CA ILE A 347 6.07 11.29 10.97
C ILE A 347 5.45 10.28 11.93
N TRP A 348 4.73 9.30 11.40
CA TRP A 348 4.13 8.26 12.22
C TRP A 348 3.56 8.84 13.52
N ASP A 349 2.60 9.74 13.38
CA ASP A 349 1.90 10.31 14.51
C ASP A 349 0.42 10.39 14.17
N ALA A 350 -0.38 9.62 14.90
CA ALA A 350 -1.82 9.58 14.68
C ALA A 350 -2.54 10.82 15.18
N ASN A 351 -1.87 11.64 15.99
CA ASN A 351 -2.51 12.85 16.52
C ASN A 351 -2.24 14.08 15.69
N ALA A 352 -1.33 13.96 14.74
CA ALA A 352 -0.92 15.09 13.94
C ALA A 352 -2.14 15.79 13.37
N ARG A 353 -2.02 17.09 13.16
CA ARG A 353 -3.07 17.86 12.50
C ARG A 353 -2.40 18.69 11.44
N GLY A 354 -3.18 19.34 10.58
CA GLY A 354 -2.62 20.24 9.57
C GLY A 354 -2.37 21.66 10.07
N SER A 355 -1.41 22.34 9.46
CA SER A 355 -1.12 23.73 9.80
C SER A 355 -0.78 24.57 8.58
N PHE A 356 -1.17 25.84 8.60
CA PHE A 356 -0.63 26.86 7.71
C PHE A 356 0.29 27.73 8.54
N VAL A 357 1.57 27.72 8.25
CA VAL A 357 2.51 28.56 9.00
C VAL A 357 3.29 29.56 8.13
N GLY A 358 3.35 30.80 8.59
CA GLY A 358 4.06 31.83 7.87
C GLY A 358 3.16 32.83 7.17
N LEU A 359 1.91 32.90 7.62
CA LEU A 359 0.95 33.80 7.00
C LEU A 359 1.32 35.28 7.15
N THR A 360 0.90 36.04 6.14
CA THR A 360 1.27 37.42 5.97
C THR A 360 0.19 37.99 5.07
N ARG A 361 0.07 39.30 5.02
CA ARG A 361 -0.96 39.93 4.21
C ARG A 361 -0.67 39.76 2.72
N MSE A 362 0.56 39.31 2.42
CA MSE A 362 0.97 38.95 1.05
C MSE A 362 0.38 37.62 0.61
O MSE A 362 0.38 37.31 -0.58
CB MSE A 362 2.49 38.86 0.97
CG MSE A 362 3.23 40.19 1.06
SE MSE A 362 2.64 41.41 -0.34
CE MSE A 362 4.01 41.07 -1.69
N HIS A 363 -0.07 36.82 1.56
CA HIS A 363 -0.65 35.52 1.25
C HIS A 363 -2.15 35.62 1.10
N GLN A 364 -2.60 35.55 -0.15
CA GLN A 364 -4.02 35.57 -0.46
C GLN A 364 -4.48 34.17 -0.86
N LYS A 365 -5.68 34.06 -1.39
CA LYS A 365 -6.22 32.73 -1.68
C LYS A 365 -5.27 31.88 -2.51
N PRO A 366 -4.71 32.46 -3.59
CA PRO A 366 -3.79 31.68 -4.42
C PRO A 366 -2.63 31.09 -3.63
N GLU A 367 -1.96 31.90 -2.81
CA GLU A 367 -0.84 31.44 -1.98
C GLU A 367 -1.23 30.29 -1.05
N MSE A 368 -2.44 30.36 -0.49
CA MSE A 368 -2.88 29.29 0.40
C MSE A 368 -3.29 28.09 -0.41
O MSE A 368 -3.08 26.95 0.02
CB MSE A 368 -4.04 29.75 1.29
CG MSE A 368 -3.61 30.77 2.34
SE MSE A 368 -5.09 31.33 3.51
CE MSE A 368 -5.15 29.83 4.78
N ALA A 369 -3.89 28.32 -1.58
CA ALA A 369 -4.22 27.22 -2.46
C ALA A 369 -2.94 26.46 -2.83
N ARG A 370 -1.92 27.18 -3.26
CA ARG A 370 -0.71 26.52 -3.72
C ARG A 370 0.02 25.84 -2.56
N ALA A 371 0.06 26.50 -1.41
CA ALA A 371 0.75 25.94 -0.24
C ALA A 371 0.20 24.57 0.13
N VAL A 372 -1.12 24.41 0.01
CA VAL A 372 -1.74 23.09 0.21
C VAL A 372 -1.08 22.02 -0.67
N ILE A 373 -1.09 22.24 -1.99
CA ILE A 373 -0.55 21.29 -2.94
C ILE A 373 0.95 21.05 -2.74
N GLU A 374 1.69 22.12 -2.50
CA GLU A 374 3.11 21.99 -2.19
C GLU A 374 3.35 21.23 -0.89
N GLY A 375 2.47 21.44 0.09
CA GLY A 375 2.57 20.75 1.37
C GLY A 375 2.33 19.26 1.21
N ILE A 376 1.21 18.90 0.58
CA ILE A 376 0.96 17.52 0.23
C ILE A 376 2.20 16.91 -0.44
N ILE A 377 2.75 17.59 -1.44
CA ILE A 377 3.91 17.09 -2.14
C ILE A 377 5.18 17.08 -1.30
N PHE A 378 5.37 18.10 -0.47
CA PHE A 378 6.54 18.20 0.39
C PHE A 378 6.58 17.04 1.36
N ASN A 379 5.42 16.69 1.90
CA ASN A 379 5.25 15.56 2.80
C ASN A 379 5.64 14.22 2.11
N LEU A 380 5.19 14.03 0.87
CA LEU A 380 5.58 12.85 0.11
C LEU A 380 7.07 12.84 -0.13
N TYR A 381 7.63 14.01 -0.42
CA TYR A 381 9.06 14.12 -0.62
C TYR A 381 9.79 13.85 0.69
N ASP A 382 9.13 14.20 1.80
CA ASP A 382 9.68 13.99 3.13
C ASP A 382 9.83 12.51 3.41
N ALA A 383 8.79 11.75 3.08
CA ALA A 383 8.79 10.31 3.22
C ALA A 383 9.79 9.65 2.27
N ALA A 384 9.79 10.07 1.00
CA ALA A 384 10.76 9.56 0.01
C ALA A 384 12.18 9.77 0.48
N SER A 385 12.44 10.92 1.08
CA SER A 385 13.80 11.30 1.46
C SER A 385 14.31 10.41 2.58
N ASN A 386 13.41 9.91 3.42
CA ASN A 386 13.80 9.01 4.48
C ASN A 386 14.34 7.70 3.90
N LEU A 387 13.70 7.27 2.82
CA LEU A 387 14.09 6.08 2.09
C LEU A 387 15.53 6.12 1.64
N ILE A 388 15.93 7.26 1.07
CA ILE A 388 17.18 7.29 0.30
C ILE A 388 18.31 8.08 0.93
N LYS A 389 18.16 8.44 2.20
CA LYS A 389 19.26 9.11 2.88
C LYS A 389 20.38 8.10 3.08
N ASN A 390 21.62 8.58 2.98
CA ASN A 390 22.81 7.72 3.01
C ASN A 390 22.94 6.84 1.78
N THR A 391 22.10 7.07 0.77
CA THR A 391 22.15 6.31 -0.47
C THR A 391 21.88 7.21 -1.68
N LYS A 392 22.07 6.65 -2.87
CA LYS A 392 21.93 7.40 -4.11
C LYS A 392 20.47 7.70 -4.40
N LYS A 393 20.18 8.95 -4.77
CA LYS A 393 18.85 9.32 -5.22
C LYS A 393 18.46 8.48 -6.43
N PRO A 394 17.20 8.05 -6.50
CA PRO A 394 16.67 7.32 -7.66
C PRO A 394 16.82 8.20 -8.88
N VAL A 395 16.83 7.62 -10.07
CA VAL A 395 17.01 8.40 -11.28
C VAL A 395 15.69 8.94 -11.80
N ALA A 396 14.60 8.40 -11.28
CA ALA A 396 13.27 8.86 -11.69
C ALA A 396 12.27 8.39 -10.67
N ILE A 397 11.11 9.03 -10.65
CA ILE A 397 10.00 8.60 -9.81
C ILE A 397 8.92 8.02 -10.72
N ASN A 398 8.56 6.77 -10.51
CA ASN A 398 7.52 6.20 -11.35
C ASN A 398 6.15 6.46 -10.73
N ALA A 399 5.37 7.29 -11.41
CA ALA A 399 4.23 7.93 -10.78
C ALA A 399 2.86 7.48 -11.25
N THR A 400 1.95 7.29 -10.30
CA THR A 400 0.57 6.96 -10.60
C THR A 400 -0.33 7.61 -9.56
N GLY A 401 -1.63 7.54 -9.79
CA GLY A 401 -2.59 8.05 -8.82
C GLY A 401 -3.38 9.21 -9.38
N GLY A 402 -4.66 9.29 -9.03
CA GLY A 402 -5.51 10.36 -9.50
C GLY A 402 -5.07 11.74 -9.05
N PHE A 403 -4.36 11.82 -7.93
CA PHE A 403 -3.80 13.11 -7.51
C PHE A 403 -2.73 13.63 -8.47
N LEU A 404 -2.05 12.74 -9.18
CA LEU A 404 -0.96 13.13 -10.09
C LEU A 404 -1.48 13.24 -11.52
N LYS A 405 -2.78 13.44 -11.67
CA LYS A 405 -3.36 13.44 -13.00
C LYS A 405 -2.98 14.69 -13.79
N SER A 406 -2.86 15.82 -13.11
CA SER A 406 -2.63 17.11 -13.77
C SER A 406 -1.17 17.36 -14.12
N ASP A 407 -0.92 18.03 -15.24
CA ASP A 407 0.45 18.40 -15.61
C ASP A 407 1.07 19.21 -14.49
N PHE A 408 0.28 20.13 -13.94
CA PHE A 408 0.76 20.99 -12.87
C PHE A 408 1.31 20.17 -11.70
N VAL A 409 0.55 19.21 -11.21
CA VAL A 409 1.03 18.43 -10.08
C VAL A 409 2.23 17.56 -10.46
N ARG A 410 2.23 17.06 -11.70
CA ARG A 410 3.33 16.23 -12.17
C ARG A 410 4.59 17.07 -12.22
N GLN A 411 4.42 18.29 -12.74
CA GLN A 411 5.56 19.17 -12.92
C GLN A 411 6.08 19.63 -11.56
N LEU A 412 5.14 19.85 -10.66
CA LEU A 412 5.44 20.29 -9.30
C LEU A 412 6.20 19.20 -8.55
N CYS A 413 5.83 17.94 -8.79
CA CYS A 413 6.54 16.82 -8.17
C CYS A 413 7.97 16.75 -8.67
N ALA A 414 8.15 16.95 -9.96
CA ALA A 414 9.49 16.95 -10.52
C ALA A 414 10.31 18.04 -9.86
N ASN A 415 9.74 19.25 -9.85
CA ASN A 415 10.40 20.42 -9.27
C ASN A 415 10.73 20.26 -7.78
N ILE A 416 9.83 19.67 -7.01
CA ILE A 416 10.11 19.41 -5.59
C ILE A 416 11.09 18.26 -5.37
N PHE A 417 10.84 17.10 -5.97
CA PHE A 417 11.74 15.95 -5.83
C PHE A 417 13.08 16.18 -6.52
N ASN A 418 13.08 17.09 -7.48
CA ASN A 418 14.25 17.34 -8.31
C ASN A 418 14.81 16.07 -8.97
N VAL A 419 13.92 15.18 -9.38
CA VAL A 419 14.29 14.08 -10.25
C VAL A 419 13.17 13.98 -11.26
N PRO A 420 13.42 13.35 -12.42
CA PRO A 420 12.32 13.29 -13.39
C PRO A 420 11.14 12.49 -12.85
N ILE A 421 9.94 12.87 -13.27
CA ILE A 421 8.73 12.17 -12.88
C ILE A 421 8.24 11.45 -14.11
N VAL A 422 8.13 10.12 -14.00
CA VAL A 422 7.68 9.31 -15.13
C VAL A 422 6.28 8.81 -14.85
N THR A 423 5.32 9.29 -15.64
CA THR A 423 3.96 8.80 -15.50
C THR A 423 3.77 7.50 -16.29
N MSE A 424 2.95 6.61 -15.78
CA MSE A 424 2.85 5.29 -16.39
C MSE A 424 1.62 5.19 -17.26
O MSE A 424 0.67 5.95 -17.09
CB MSE A 424 2.84 4.22 -15.30
CG MSE A 424 3.98 4.38 -14.32
SE MSE A 424 5.72 4.29 -15.18
CE MSE A 424 5.62 2.44 -15.81
N LYS A 425 1.65 4.29 -18.24
CA LYS A 425 0.51 4.09 -19.11
C LYS A 425 -0.60 3.39 -18.37
N GLU A 426 -0.21 2.49 -17.47
CA GLU A 426 -1.16 1.66 -16.73
C GLU A 426 -1.21 1.97 -15.25
N GLN A 427 -2.36 2.49 -14.80
CA GLN A 427 -2.53 2.84 -13.39
C GLN A 427 -2.69 1.62 -12.51
N GLN A 428 -3.29 0.57 -13.07
CA GLN A 428 -3.54 -0.67 -12.35
C GLN A 428 -2.31 -1.55 -12.24
N SER A 429 -1.30 -1.05 -11.51
CA SER A 429 -0.04 -1.75 -11.37
C SER A 429 -0.16 -3.11 -10.67
N GLY A 430 -1.09 -3.24 -9.75
CA GLY A 430 -1.25 -4.42 -8.96
C GLY A 430 -1.70 -5.65 -9.70
N THR A 431 -2.77 -5.54 -10.46
CA THR A 431 -3.24 -6.62 -11.27
C THR A 431 -2.33 -6.93 -12.41
N LEU A 432 -1.64 -5.94 -12.93
CA LEU A 432 -0.66 -6.11 -13.95
C LEU A 432 0.51 -6.92 -13.46
N ALA A 433 1.08 -6.55 -12.34
CA ALA A 433 2.16 -7.29 -11.76
C ALA A 433 1.72 -8.66 -11.28
N ALA A 434 0.46 -8.79 -10.92
CA ALA A 434 -0.08 -10.10 -10.54
C ALA A 434 -0.12 -10.99 -11.78
N MSE A 435 -0.55 -10.38 -12.87
CA MSE A 435 -0.64 -11.05 -14.14
C MSE A 435 0.77 -11.47 -14.54
O MSE A 435 1.00 -12.55 -15.09
CB MSE A 435 -1.25 -10.08 -15.16
CG MSE A 435 -1.27 -10.58 -16.59
SE MSE A 435 0.40 -10.17 -17.49
CE MSE A 435 0.13 -8.25 -17.77
N PHE A 436 1.74 -10.61 -14.22
CA PHE A 436 3.12 -10.91 -14.58
C PHE A 436 3.65 -12.12 -13.81
N LEU A 437 3.30 -12.21 -12.52
CA LEU A 437 3.66 -13.34 -11.69
C LEU A 437 3.20 -14.64 -12.33
N ALA A 438 1.97 -14.63 -12.85
CA ALA A 438 1.41 -15.77 -13.55
C ALA A 438 2.28 -16.12 -14.76
N ARG A 439 2.64 -15.12 -15.54
CA ARG A 439 3.51 -15.34 -16.71
C ARG A 439 4.82 -15.99 -16.28
N GLN A 440 5.30 -15.65 -15.09
CA GLN A 440 6.50 -16.27 -14.59
C GLN A 440 6.22 -17.73 -14.25
N ALA A 441 5.18 -17.95 -13.46
CA ALA A 441 4.79 -19.28 -13.05
C ALA A 441 4.58 -20.17 -14.28
N LEU A 442 3.90 -19.63 -15.28
CA LEU A 442 3.61 -20.32 -16.55
C LEU A 442 4.83 -20.43 -17.46
N GLY A 443 5.98 -19.91 -17.04
CA GLY A 443 7.16 -19.92 -17.89
C GLY A 443 7.09 -19.00 -19.11
N LEU A 444 6.18 -18.04 -19.11
CA LEU A 444 6.09 -17.07 -20.19
C LEU A 444 7.11 -15.94 -20.05
N ASN A 445 7.66 -15.81 -18.85
CA ASN A 445 8.66 -14.77 -18.55
C ASN A 445 9.59 -15.27 -17.49
N GLN A 446 10.85 -14.86 -17.54
CA GLN A 446 11.83 -15.32 -16.57
C GLN A 446 12.17 -14.23 -15.54
N ASP A 447 13.01 -13.28 -15.92
CA ASP A 447 13.48 -12.26 -14.98
C ASP A 447 12.42 -11.17 -14.74
N LEU A 448 12.46 -10.59 -13.55
CA LEU A 448 11.55 -9.51 -13.17
C LEU A 448 11.68 -8.33 -14.14
N SER A 449 12.90 -8.05 -14.58
CA SER A 449 13.13 -6.94 -15.49
C SER A 449 12.21 -7.00 -16.70
N GLU A 450 11.77 -8.20 -17.05
CA GLU A 450 10.92 -8.34 -18.21
C GLU A 450 9.54 -7.70 -18.03
N ILE A 451 9.18 -7.39 -16.79
CA ILE A 451 7.90 -6.72 -16.52
C ILE A 451 7.85 -5.33 -17.15
N GLY A 452 9.01 -4.77 -17.46
CA GLY A 452 9.08 -3.49 -18.14
C GLY A 452 8.30 -3.48 -19.45
N GLN A 453 8.15 -4.66 -20.01
CA GLN A 453 7.46 -4.84 -21.29
C GLN A 453 5.98 -4.50 -21.14
N PHE A 454 5.44 -4.76 -19.96
CA PHE A 454 4.02 -4.54 -19.72
C PHE A 454 3.77 -3.21 -19.01
N ALA A 455 4.66 -2.87 -18.09
CA ALA A 455 4.62 -1.58 -17.40
C ALA A 455 5.39 -0.51 -18.17
N GLN A 456 4.67 0.19 -19.05
CA GLN A 456 5.28 1.20 -19.92
C GLN A 456 5.19 2.62 -19.35
N ALA A 457 6.19 3.43 -19.66
CA ALA A 457 6.17 4.85 -19.30
C ALA A 457 5.28 5.59 -20.28
N ASP A 458 4.66 6.66 -19.81
CA ASP A 458 3.78 7.45 -20.66
C ASP A 458 4.41 8.80 -20.94
N LYS A 459 4.39 9.67 -19.93
CA LYS A 459 5.00 10.98 -20.04
C LYS A 459 6.15 11.10 -19.03
N VAL A 460 7.16 11.89 -19.38
CA VAL A 460 8.22 12.24 -18.45
C VAL A 460 8.20 13.73 -18.16
N TYR A 461 8.34 14.08 -16.89
CA TYR A 461 8.42 15.47 -16.50
C TYR A 461 9.78 15.69 -15.86
N PHE A 462 10.53 16.67 -16.37
CA PHE A 462 11.87 16.95 -15.87
C PHE A 462 11.86 18.18 -14.98
N PRO A 463 12.68 18.18 -13.93
CA PRO A 463 12.70 19.33 -13.01
C PRO A 463 13.00 20.61 -13.77
N ASN A 464 12.25 21.66 -13.46
CA ASN A 464 12.55 23.01 -13.93
C ASN A 464 13.55 23.62 -12.96
N PRO A 465 14.77 23.92 -13.45
CA PRO A 465 15.90 24.32 -12.61
C PRO A 465 15.62 25.47 -11.63
N LYS A 466 14.90 26.51 -12.08
CA LYS A 466 14.65 27.64 -11.19
C LYS A 466 13.71 27.26 -10.04
N GLU A 467 12.55 26.67 -10.37
CA GLU A 467 11.64 26.23 -9.33
C GLU A 467 12.31 25.20 -8.43
N ALA A 468 13.05 24.27 -9.05
CA ALA A 468 13.73 23.23 -8.28
C ALA A 468 14.62 23.84 -7.20
N ALA A 469 15.37 24.86 -7.58
CA ALA A 469 16.17 25.64 -6.65
C ALA A 469 15.30 26.31 -5.58
N THR A 470 14.20 26.92 -6.01
CA THR A 470 13.25 27.52 -5.08
C THR A 470 12.80 26.50 -4.01
N TYR A 471 12.43 25.31 -4.45
CA TYR A 471 11.90 24.29 -3.54
C TYR A 471 12.98 23.64 -2.68
N GLN A 472 14.18 23.60 -3.21
CA GLN A 472 15.31 23.03 -2.50
C GLN A 472 15.66 23.95 -1.35
N LYS A 473 15.41 25.24 -1.54
CA LYS A 473 15.67 26.20 -0.49
C LYS A 473 14.49 26.26 0.47
N LEU A 474 13.29 25.93 -0.02
CA LEU A 474 12.07 26.05 0.77
C LEU A 474 11.82 24.79 1.59
N PHE A 475 12.37 23.66 1.14
CA PHE A 475 12.14 22.42 1.87
C PHE A 475 12.62 22.47 3.32
N PRO A 476 13.85 22.96 3.56
CA PRO A 476 14.37 22.99 4.93
C PRO A 476 13.47 23.77 5.88
N LEU A 477 12.77 24.76 5.32
CA LEU A 477 11.85 25.58 6.09
C LEU A 477 10.61 24.76 6.44
N TYR A 478 10.15 23.97 5.47
CA TYR A 478 9.08 23.04 5.70
C TYR A 478 9.46 22.13 6.87
N CYS A 479 10.70 21.65 6.88
CA CYS A 479 11.11 20.72 7.94
C CYS A 479 11.26 21.44 9.27
N GLU A 480 11.68 22.70 9.24
CA GLU A 480 11.71 23.50 10.45
C GLU A 480 10.34 23.56 11.07
N ILE A 481 9.34 23.96 10.29
CA ILE A 481 7.98 24.09 10.81
C ILE A 481 7.43 22.73 11.26
N ARG A 482 7.68 21.68 10.48
CA ARG A 482 7.32 20.35 10.90
C ARG A 482 7.96 20.00 12.26
N ASN A 483 9.27 20.18 12.37
CA ASN A 483 9.98 19.95 13.62
C ASN A 483 9.44 20.79 14.77
N ALA A 484 9.14 22.05 14.48
CA ALA A 484 8.72 22.97 15.52
C ALA A 484 7.45 22.49 16.19
N LEU A 485 6.57 21.88 15.39
CA LEU A 485 5.24 21.49 15.86
C LEU A 485 5.13 20.01 16.23
N ALA A 486 6.17 19.22 15.97
CA ALA A 486 6.05 17.77 16.18
C ALA A 486 5.53 17.40 17.56
N ALA A 487 6.04 18.06 18.59
CA ALA A 487 5.70 17.71 19.95
C ALA A 487 4.35 18.27 20.44
N SER A 488 3.68 19.06 19.60
CA SER A 488 2.49 19.78 20.04
C SER A 488 1.15 19.10 19.80
N TYR A 489 1.12 18.05 18.99
CA TYR A 489 -0.16 17.52 18.52
C TYR A 489 -1.01 16.82 19.59
N GLY A 490 -0.36 16.31 20.64
CA GLY A 490 -1.09 15.62 21.69
C GLY A 490 -1.88 16.63 22.47
N LYS A 491 -1.31 17.81 22.57
CA LYS A 491 -1.95 18.92 23.27
C LYS A 491 -3.40 19.13 22.77
N PHE A 492 -3.68 18.72 21.53
CA PHE A 492 -4.95 19.05 20.87
C PHE A 492 -6.15 18.21 21.29
N SER A 493 -6.04 17.55 22.44
CA SER A 493 -7.09 16.63 22.88
C SER A 493 -6.84 16.08 24.30
#